data_4MBE
#
_entry.id   4MBE
#
_cell.length_a   51.270
_cell.length_b   62.399
_cell.length_c   124.601
_cell.angle_alpha   90.00
_cell.angle_beta   98.61
_cell.angle_gamma   90.00
#
_symmetry.space_group_name_H-M   'P 1 21 1'
#
loop_
_entity.id
_entity.type
_entity.pdbx_description
1 polymer 'Cell division control protein 31'
2 polymer 'Nuclear mRNA export protein SAC3'
3 polymer 'Protein SUS1'
4 polymer 'Nucleoporin NUP1'
5 non-polymer 'CALCIUM ION'
6 water water
#
loop_
_entity_poly.entity_id
_entity_poly.type
_entity_poly.pdbx_seq_one_letter_code
_entity_poly.pdbx_strand_id
1 'polypeptide(L)'
;MSKNRSSLQSGPLNSELLEEQKQEIYEAFSLFDMNNDGFLDYHELKVAMKALGFELPKREILDLIDEYDSEGRHLMKYDD
FYIVMGEKILKRDPLDEIKRAFQLFDDDHTGKISIKNLRRVAKELGETLTDEELRAMIEEFDLDGDGEINENEFIAICTD
S
;
A,D
2 'polypeptide(L)' EANYRKDFIDTMTRELYDAFLHERLYLIYMDSRAELKRNSTLKKKFFEKWQAS B,E
3 'polypeptide(L)'
;MTMDTAQLKSQIQQYLVESGNYELISNELKARLLQEGWVDKVKDLTKSEMNINESTNFTQILSTVEPKALEMVSDSTRET
VLKQIREFLEEIVDTQ
;
C,F
4 'polypeptide(L)' LKKNIEPKKDKESIVLPTVGFDFIK H,G,X,Y
#
loop_
_chem_comp.id
_chem_comp.type
_chem_comp.name
_chem_comp.formula
CA non-polymer 'CALCIUM ION' 'Ca 2'
#
# COMPACT_ATOMS: atom_id res chain seq x y z
N LEU A 13 24.64 -21.33 20.96
CA LEU A 13 24.20 -19.99 20.58
C LEU A 13 22.90 -19.63 21.29
N ASN A 14 22.02 -20.61 21.44
CA ASN A 14 20.74 -20.42 22.11
C ASN A 14 20.92 -20.00 23.57
N SER A 15 21.91 -20.58 24.23
CA SER A 15 22.19 -20.30 25.64
C SER A 15 22.93 -18.97 25.82
N GLU A 16 23.74 -18.61 24.83
CA GLU A 16 24.55 -17.41 24.89
C GLU A 16 23.71 -16.14 24.87
N LEU A 17 22.65 -16.15 24.07
CA LEU A 17 21.80 -14.98 23.91
C LEU A 17 20.77 -14.86 25.04
N LEU A 18 20.59 -13.64 25.53
CA LEU A 18 19.55 -13.33 26.50
C LEU A 18 18.18 -13.38 25.84
N GLU A 19 17.13 -13.51 26.65
CA GLU A 19 15.76 -13.49 26.13
C GLU A 19 15.49 -12.14 25.47
N GLU A 20 16.14 -11.10 25.97
CA GLU A 20 16.00 -9.75 25.43
C GLU A 20 16.57 -9.70 24.01
N GLN A 21 17.73 -10.32 23.81
CA GLN A 21 18.42 -10.29 22.53
C GLN A 21 17.72 -11.12 21.46
N LYS A 22 17.12 -12.24 21.86
CA LYS A 22 16.37 -13.07 20.94
C LYS A 22 15.16 -12.32 20.40
N GLN A 23 14.48 -11.59 21.28
CA GLN A 23 13.34 -10.77 20.88
C GLN A 23 13.78 -9.62 19.99
N GLU A 24 14.95 -9.06 20.28
CA GLU A 24 15.50 -7.97 19.50
C GLU A 24 15.68 -8.40 18.03
N ILE A 25 16.15 -9.63 17.84
CA ILE A 25 16.36 -10.17 16.50
C ILE A 25 15.02 -10.42 15.79
N TYR A 26 14.10 -11.05 16.52
CA TYR A 26 12.78 -11.35 15.96
C TYR A 26 12.04 -10.10 15.51
N GLU A 27 12.12 -9.05 16.32
CA GLU A 27 11.40 -7.82 16.04
C GLU A 27 12.03 -7.04 14.88
N ALA A 28 13.36 -7.06 14.81
CA ALA A 28 14.07 -6.39 13.74
C ALA A 28 13.64 -6.97 12.40
N PHE A 29 13.56 -8.29 12.33
CA PHE A 29 13.20 -9.00 11.12
C PHE A 29 11.72 -8.78 10.77
N SER A 30 10.86 -8.95 11.76
CA SER A 30 9.41 -8.82 11.57
C SER A 30 9.04 -7.43 11.07
N LEU A 31 9.73 -6.42 11.59
CA LEU A 31 9.42 -5.04 11.26
C LEU A 31 9.57 -4.77 9.77
N PHE A 32 10.48 -5.47 9.11
CA PHE A 32 10.79 -5.23 7.70
C PHE A 32 10.44 -6.41 6.78
N ASP A 33 9.80 -7.43 7.33
CA ASP A 33 9.31 -8.53 6.52
C ASP A 33 7.93 -8.13 6.00
N MET A 34 7.92 -7.33 4.94
CA MET A 34 6.69 -6.67 4.47
C MET A 34 5.69 -7.65 3.89
N ASN A 35 6.19 -8.69 3.23
CA ASN A 35 5.32 -9.70 2.65
C ASN A 35 4.79 -10.66 3.71
N ASN A 36 5.47 -10.68 4.86
CA ASN A 36 5.15 -11.62 5.93
C ASN A 36 5.37 -13.06 5.47
N ASP A 37 6.44 -13.26 4.69
CA ASP A 37 6.71 -14.56 4.07
C ASP A 37 7.98 -15.20 4.62
N GLY A 38 8.56 -14.58 5.64
CA GLY A 38 9.74 -15.13 6.30
C GLY A 38 11.03 -14.89 5.55
N PHE A 39 10.98 -13.97 4.59
CA PHE A 39 12.15 -13.63 3.77
C PHE A 39 12.39 -12.12 3.70
N LEU A 40 13.66 -11.76 3.57
CA LEU A 40 14.06 -10.37 3.35
C LEU A 40 14.90 -10.27 2.09
N ASP A 41 14.58 -9.29 1.24
CA ASP A 41 15.44 -8.95 0.12
C ASP A 41 16.55 -8.04 0.64
N TYR A 42 17.45 -7.62 -0.24
CA TYR A 42 18.60 -6.79 0.14
C TYR A 42 18.22 -5.55 0.95
N HIS A 43 17.33 -4.73 0.40
CA HIS A 43 16.96 -3.46 1.02
C HIS A 43 16.40 -3.69 2.42
N GLU A 44 15.43 -4.59 2.51
CA GLU A 44 14.82 -4.92 3.79
C GLU A 44 15.86 -5.44 4.78
N LEU A 45 16.84 -6.18 4.27
CA LEU A 45 17.88 -6.75 5.12
C LEU A 45 18.82 -5.68 5.64
N LYS A 46 19.09 -4.67 4.81
CA LYS A 46 20.01 -3.59 5.19
C LYS A 46 19.51 -2.81 6.41
N VAL A 47 18.22 -2.48 6.41
CA VAL A 47 17.65 -1.70 7.50
C VAL A 47 17.34 -2.56 8.72
N ALA A 48 17.04 -3.84 8.49
CA ALA A 48 16.82 -4.78 9.59
C ALA A 48 18.08 -4.88 10.43
N MET A 49 19.24 -4.89 9.78
CA MET A 49 20.50 -4.98 10.50
C MET A 49 20.84 -3.65 11.17
N LYS A 50 20.45 -2.56 10.51
CA LYS A 50 20.62 -1.22 11.07
C LYS A 50 19.80 -1.13 12.36
N ALA A 51 18.63 -1.77 12.34
CA ALA A 51 17.76 -1.82 13.51
C ALA A 51 18.42 -2.54 14.70
N LEU A 52 19.44 -3.33 14.43
CA LEU A 52 20.20 -4.02 15.47
C LEU A 52 21.54 -3.33 15.69
N GLY A 53 21.73 -2.19 15.04
CA GLY A 53 22.92 -1.39 15.21
C GLY A 53 24.09 -1.83 14.36
N PHE A 54 23.80 -2.49 13.24
CA PHE A 54 24.84 -2.96 12.34
C PHE A 54 24.68 -2.31 10.98
N GLU A 55 25.67 -1.50 10.61
CA GLU A 55 25.69 -0.83 9.32
C GLU A 55 26.84 -1.42 8.52
N LEU A 56 26.51 -2.28 7.57
CA LEU A 56 27.51 -3.01 6.82
C LEU A 56 27.59 -2.47 5.40
N PRO A 57 28.77 -2.56 4.78
CA PRO A 57 28.92 -2.11 3.39
C PRO A 57 28.04 -2.94 2.45
N LYS A 58 27.58 -2.34 1.35
CA LYS A 58 26.68 -3.01 0.40
C LYS A 58 27.26 -4.34 -0.03
N ARG A 59 28.55 -4.33 -0.38
CA ARG A 59 29.27 -5.54 -0.77
C ARG A 59 29.23 -6.62 0.30
N GLU A 60 29.39 -6.23 1.56
CA GLU A 60 29.37 -7.18 2.66
C GLU A 60 28.00 -7.82 2.83
N ILE A 61 26.95 -7.04 2.60
CA ILE A 61 25.58 -7.55 2.70
C ILE A 61 25.27 -8.56 1.60
N LEU A 62 25.69 -8.26 0.38
CA LEU A 62 25.48 -9.16 -0.75
C LEU A 62 26.16 -10.50 -0.47
N ASP A 63 27.33 -10.44 0.15
CA ASP A 63 28.04 -11.66 0.56
C ASP A 63 27.21 -12.48 1.54
N LEU A 64 26.57 -11.81 2.50
CA LEU A 64 25.74 -12.52 3.47
C LEU A 64 24.55 -13.20 2.83
N ILE A 65 23.89 -12.50 1.91
CA ILE A 65 22.75 -13.06 1.20
C ILE A 65 23.22 -14.26 0.40
N ASP A 66 24.26 -14.04 -0.40
CA ASP A 66 24.80 -15.09 -1.27
C ASP A 66 25.29 -16.31 -0.51
N GLU A 67 25.82 -16.11 0.70
CA GLU A 67 26.38 -17.24 1.45
C GLU A 67 25.29 -18.22 1.88
N TYR A 68 24.06 -17.75 2.03
CA TYR A 68 22.94 -18.59 2.45
C TYR A 68 21.82 -18.69 1.41
N ASP A 69 22.04 -18.13 0.23
CA ASP A 69 21.00 -18.08 -0.82
C ASP A 69 20.92 -19.38 -1.64
N SER A 70 20.30 -20.40 -1.07
CA SER A 70 20.17 -21.69 -1.73
C SER A 70 19.39 -21.61 -3.04
N GLU A 71 18.29 -20.87 -3.01
CA GLU A 71 17.38 -20.78 -4.16
C GLU A 71 17.92 -19.97 -5.34
N GLY A 72 18.78 -18.98 -5.06
CA GLY A 72 19.21 -18.05 -6.08
C GLY A 72 18.22 -16.90 -6.18
N ARG A 73 17.35 -16.80 -5.17
CA ARG A 73 16.34 -15.75 -5.12
C ARG A 73 16.91 -14.37 -4.76
N HIS A 74 18.07 -14.37 -4.10
CA HIS A 74 18.68 -13.17 -3.53
C HIS A 74 17.92 -12.69 -2.28
N LEU A 75 17.37 -13.65 -1.54
CA LEU A 75 16.65 -13.38 -0.31
C LEU A 75 17.32 -14.07 0.89
N MET A 76 17.06 -13.55 2.09
CA MET A 76 17.48 -14.21 3.32
C MET A 76 16.28 -14.65 4.13
N LYS A 77 16.31 -15.92 4.56
CA LYS A 77 15.26 -16.45 5.42
C LYS A 77 15.57 -16.12 6.87
N TYR A 78 14.53 -16.15 7.71
CA TYR A 78 14.66 -15.75 9.10
C TYR A 78 15.66 -16.59 9.88
N ASP A 79 15.62 -17.90 9.67
CA ASP A 79 16.50 -18.81 10.40
C ASP A 79 17.99 -18.51 10.19
N ASP A 80 18.35 -18.06 8.98
CA ASP A 80 19.74 -17.66 8.74
C ASP A 80 20.01 -16.29 9.36
N PHE A 81 19.03 -15.40 9.26
CA PHE A 81 19.15 -14.07 9.84
C PHE A 81 19.38 -14.18 11.34
N TYR A 82 18.64 -15.08 11.98
CA TYR A 82 18.74 -15.31 13.41
C TYR A 82 20.15 -15.75 13.81
N ILE A 83 20.71 -16.73 13.10
CA ILE A 83 22.06 -17.20 13.39
C ILE A 83 23.08 -16.08 13.16
N VAL A 84 23.01 -15.46 11.99
CA VAL A 84 23.96 -14.42 11.61
C VAL A 84 23.98 -13.25 12.59
N MET A 85 22.82 -12.71 12.92
CA MET A 85 22.76 -11.55 13.82
C MET A 85 23.12 -11.97 15.23
N GLY A 86 22.74 -13.18 15.61
CA GLY A 86 23.05 -13.71 16.92
C GLY A 86 24.54 -13.69 17.21
N GLU A 87 25.34 -14.08 16.21
CA GLU A 87 26.78 -14.08 16.34
C GLU A 87 27.29 -12.65 16.51
N LYS A 88 26.73 -11.74 15.72
CA LYS A 88 27.14 -10.34 15.77
C LYS A 88 26.80 -9.67 17.11
N ILE A 89 25.65 -10.01 17.68
CA ILE A 89 25.21 -9.38 18.91
C ILE A 89 26.13 -9.79 20.06
N LEU A 90 26.63 -11.03 20.02
CA LEU A 90 27.55 -11.52 21.03
C LEU A 90 28.90 -10.81 20.95
N LYS A 91 29.21 -10.26 19.79
CA LYS A 91 30.47 -9.54 19.57
C LYS A 91 30.34 -8.04 19.84
N ARG A 92 29.14 -7.59 20.22
CA ARG A 92 28.93 -6.19 20.55
C ARG A 92 29.90 -5.73 21.64
N ASP A 93 30.46 -4.54 21.46
CA ASP A 93 31.27 -3.90 22.50
C ASP A 93 30.34 -3.39 23.59
N PRO A 94 30.44 -3.95 24.82
CA PRO A 94 29.52 -3.51 25.89
C PRO A 94 29.58 -2.02 26.19
N LEU A 95 30.78 -1.43 26.11
CA LEU A 95 30.95 -0.03 26.47
C LEU A 95 30.38 0.90 25.41
N ASP A 96 30.49 0.50 24.15
CA ASP A 96 29.97 1.32 23.05
C ASP A 96 28.45 1.43 23.11
N GLU A 97 27.79 0.32 23.44
CA GLU A 97 26.33 0.32 23.56
C GLU A 97 25.93 1.30 24.65
N ILE A 98 26.64 1.23 25.79
CA ILE A 98 26.38 2.10 26.92
C ILE A 98 26.52 3.58 26.54
N LYS A 99 27.60 3.92 25.84
CA LYS A 99 27.82 5.31 25.44
C LYS A 99 26.76 5.77 24.46
N ARG A 100 26.38 4.88 23.54
CA ARG A 100 25.34 5.20 22.58
C ARG A 100 24.02 5.44 23.30
N ALA A 101 23.74 4.63 24.31
CA ALA A 101 22.54 4.79 25.11
C ALA A 101 22.57 6.16 25.81
N PHE A 102 23.72 6.50 26.39
CA PHE A 102 23.85 7.79 27.07
C PHE A 102 23.44 8.96 26.17
N GLN A 103 23.92 8.95 24.93
CA GLN A 103 23.58 10.00 23.98
C GLN A 103 22.07 10.05 23.75
N LEU A 104 21.42 8.90 23.79
CA LEU A 104 19.98 8.83 23.56
C LEU A 104 19.20 9.42 24.73
N PHE A 105 19.72 9.26 25.95
CA PHE A 105 19.13 9.92 27.11
C PHE A 105 19.38 11.42 27.03
N ASP A 106 20.62 11.79 26.72
CA ASP A 106 21.03 13.18 26.61
C ASP A 106 20.74 13.75 25.23
N ASP A 107 19.46 13.79 24.86
CA ASP A 107 19.09 14.25 23.51
C ASP A 107 19.29 15.74 23.34
N ASP A 108 19.23 16.49 24.43
CA ASP A 108 19.48 17.93 24.39
C ASP A 108 20.98 18.24 24.25
N HIS A 109 21.80 17.21 24.46
CA HIS A 109 23.26 17.33 24.25
C HIS A 109 23.95 18.28 25.22
N THR A 110 23.45 18.33 26.45
CA THR A 110 24.07 19.16 27.49
C THR A 110 25.31 18.47 28.08
N GLY A 111 25.51 17.21 27.72
CA GLY A 111 26.61 16.43 28.26
C GLY A 111 26.27 15.73 29.56
N LYS A 112 25.04 15.92 30.03
CA LYS A 112 24.57 15.30 31.26
C LYS A 112 23.08 14.96 31.17
N ILE A 113 22.67 13.91 31.85
CA ILE A 113 21.27 13.50 31.89
C ILE A 113 20.49 14.21 32.99
N SER A 114 19.65 15.16 32.59
CA SER A 114 18.79 15.89 33.51
C SER A 114 17.60 15.04 33.92
N ILE A 115 16.83 15.53 34.89
CA ILE A 115 15.59 14.85 35.27
C ILE A 115 14.62 14.91 34.11
N LYS A 116 14.67 15.98 33.33
CA LYS A 116 13.78 16.14 32.17
C LYS A 116 14.05 15.04 31.18
N ASN A 117 15.34 14.80 30.93
CA ASN A 117 15.78 13.75 30.03
C ASN A 117 15.27 12.40 30.47
N LEU A 118 15.51 12.08 31.74
CA LEU A 118 15.10 10.79 32.29
C LEU A 118 13.59 10.61 32.27
N ARG A 119 12.87 11.70 32.48
CA ARG A 119 11.41 11.67 32.47
C ARG A 119 10.90 11.44 31.06
N ARG A 120 11.57 12.06 30.10
CA ARG A 120 11.23 11.92 28.69
C ARG A 120 11.43 10.49 28.20
N VAL A 121 12.56 9.89 28.60
CA VAL A 121 12.83 8.50 28.29
C VAL A 121 11.79 7.59 28.94
N ALA A 122 11.49 7.87 30.21
CA ALA A 122 10.52 7.08 30.95
C ALA A 122 9.15 7.10 30.31
N LYS A 123 8.78 8.22 29.70
CA LYS A 123 7.49 8.31 29.01
C LYS A 123 7.46 7.50 27.71
N GLU A 124 8.56 7.54 26.98
CA GLU A 124 8.64 6.81 25.71
C GLU A 124 8.48 5.32 25.92
N LEU A 125 9.05 4.82 27.01
CA LEU A 125 9.00 3.39 27.32
C LEU A 125 7.70 2.99 28.02
N GLY A 126 6.83 3.97 28.27
CA GLY A 126 5.57 3.71 28.93
C GLY A 126 5.74 3.24 30.36
N GLU A 127 6.79 3.73 31.02
CA GLU A 127 7.07 3.37 32.41
C GLU A 127 6.20 4.15 33.39
N THR A 128 5.55 3.42 34.29
CA THR A 128 4.75 4.04 35.35
C THR A 128 5.64 4.29 36.56
N LEU A 129 6.20 5.49 36.64
CA LEU A 129 7.14 5.82 37.71
C LEU A 129 6.92 7.25 38.22
N THR A 130 6.91 7.39 39.54
CA THR A 130 6.71 8.68 40.19
C THR A 130 7.94 9.56 39.96
N ASP A 131 7.74 10.87 40.01
CA ASP A 131 8.85 11.81 39.87
C ASP A 131 9.91 11.54 40.93
N GLU A 132 9.46 11.31 42.16
CA GLU A 132 10.35 10.99 43.27
C GLU A 132 11.18 9.75 42.97
N GLU A 133 10.55 8.74 42.37
CA GLU A 133 11.25 7.53 41.98
C GLU A 133 12.31 7.83 40.92
N LEU A 134 11.99 8.76 40.02
CA LEU A 134 12.95 9.21 39.02
C LEU A 134 14.04 10.07 39.63
N ARG A 135 13.66 10.96 40.54
CA ARG A 135 14.62 11.80 41.23
C ARG A 135 15.59 10.91 42.00
N ALA A 136 15.05 9.87 42.62
CA ALA A 136 15.85 8.91 43.37
C ALA A 136 16.85 8.21 42.47
N MET A 137 16.41 7.81 41.27
CA MET A 137 17.28 7.13 40.32
C MET A 137 18.54 7.94 40.05
N ILE A 138 18.39 9.26 39.99
CA ILE A 138 19.52 10.15 39.77
C ILE A 138 20.35 10.31 41.04
N GLU A 139 19.69 10.57 42.16
CA GLU A 139 20.38 10.80 43.43
C GLU A 139 21.30 9.64 43.82
N GLU A 140 20.85 8.42 43.54
CA GLU A 140 21.58 7.22 43.93
C GLU A 140 22.96 7.08 43.25
N PHE A 141 23.14 7.76 42.13
CA PHE A 141 24.37 7.65 41.36
C PHE A 141 24.95 9.01 40.99
N ASP A 142 24.31 10.08 41.45
CA ASP A 142 24.84 11.42 41.25
C ASP A 142 26.00 11.60 42.21
N LEU A 143 27.22 11.56 41.68
CA LEU A 143 28.43 11.64 42.50
C LEU A 143 28.90 13.09 42.68
N ASP A 144 28.63 13.94 41.69
CA ASP A 144 29.01 15.35 41.77
C ASP A 144 28.07 16.15 42.65
N GLY A 145 26.84 15.64 42.81
CA GLY A 145 25.83 16.36 43.56
C GLY A 145 25.29 17.53 42.77
N ASP A 146 25.46 17.48 41.46
CA ASP A 146 24.97 18.54 40.58
C ASP A 146 23.54 18.24 40.13
N GLY A 147 22.96 17.18 40.67
CA GLY A 147 21.58 16.81 40.39
C GLY A 147 21.39 16.18 39.03
N GLU A 148 22.50 15.88 38.36
CA GLU A 148 22.46 15.31 37.01
C GLU A 148 23.53 14.24 36.83
N ILE A 149 23.34 13.38 35.84
CA ILE A 149 24.22 12.24 35.58
C ILE A 149 25.09 12.51 34.35
N ASN A 150 26.40 12.64 34.55
CA ASN A 150 27.32 12.76 33.42
C ASN A 150 27.63 11.39 32.86
N GLU A 151 28.42 11.33 31.80
CA GLU A 151 28.68 10.07 31.11
C GLU A 151 29.38 9.04 31.99
N ASN A 152 30.45 9.44 32.67
CA ASN A 152 31.21 8.51 33.51
C ASN A 152 30.36 7.90 34.63
N GLU A 153 29.44 8.70 35.17
CA GLU A 153 28.52 8.21 36.18
C GLU A 153 27.51 7.26 35.57
N PHE A 154 27.06 7.56 34.36
CA PHE A 154 26.13 6.69 33.66
C PHE A 154 26.78 5.33 33.40
N ILE A 155 28.03 5.34 32.96
CA ILE A 155 28.76 4.10 32.72
C ILE A 155 28.87 3.30 34.01
N ALA A 156 29.14 3.99 35.12
CA ALA A 156 29.28 3.34 36.42
C ALA A 156 28.03 2.55 36.78
N ILE A 157 26.87 3.08 36.44
CA ILE A 157 25.61 2.40 36.69
C ILE A 157 25.55 1.11 35.89
N CYS A 158 25.96 1.17 34.63
CA CYS A 158 25.75 0.07 33.70
C CYS A 158 26.85 -1.00 33.76
N THR A 159 27.96 -0.67 34.40
CA THR A 159 29.10 -1.57 34.48
C THR A 159 29.13 -2.37 35.77
N ASP A 160 28.22 -2.05 36.69
CA ASP A 160 28.19 -2.67 38.02
C ASP A 160 28.15 -4.20 38.01
N SER A 161 27.43 -4.78 37.05
CA SER A 161 27.26 -6.23 36.97
C SER A 161 26.84 -6.83 38.31
N TYR B 4 -3.86 12.83 -27.58
CA TYR B 4 -2.90 13.93 -27.52
C TYR B 4 -1.61 13.43 -26.87
N ARG B 5 -0.55 13.38 -27.67
CA ARG B 5 0.74 12.86 -27.21
C ARG B 5 1.30 13.70 -26.06
N LYS B 6 1.15 15.02 -26.15
CA LYS B 6 1.66 15.90 -25.11
C LYS B 6 0.90 15.73 -23.78
N ASP B 7 -0.41 15.53 -23.85
CA ASP B 7 -1.19 15.29 -22.64
C ASP B 7 -0.77 13.98 -21.98
N PHE B 8 -0.49 12.97 -22.80
CA PHE B 8 -0.04 11.69 -22.29
C PHE B 8 1.34 11.82 -21.64
N ILE B 9 2.24 12.54 -22.30
CA ILE B 9 3.60 12.73 -21.79
C ILE B 9 3.61 13.55 -20.49
N ASP B 10 2.82 14.62 -20.42
CA ASP B 10 2.77 15.45 -19.22
C ASP B 10 2.25 14.66 -18.02
N THR B 11 1.21 13.86 -18.24
CA THR B 11 0.64 13.03 -17.19
C THR B 11 1.65 11.98 -16.72
N MET B 12 2.31 11.34 -17.67
CA MET B 12 3.29 10.31 -17.33
C MET B 12 4.47 10.94 -16.61
N THR B 13 4.83 12.15 -17.01
CA THR B 13 5.92 12.88 -16.37
C THR B 13 5.57 13.15 -14.91
N ARG B 14 4.33 13.55 -14.67
CA ARG B 14 3.86 13.85 -13.32
C ARG B 14 3.79 12.59 -12.46
N GLU B 15 3.25 11.51 -13.03
CA GLU B 15 3.16 10.24 -12.31
C GLU B 15 4.53 9.65 -12.02
N LEU B 16 5.45 9.78 -12.97
CA LEU B 16 6.81 9.31 -12.79
C LEU B 16 7.52 10.09 -11.69
N TYR B 17 7.37 11.42 -11.70
CA TYR B 17 7.96 12.26 -10.67
C TYR B 17 7.46 11.88 -9.29
N ASP B 18 6.16 11.63 -9.18
CA ASP B 18 5.56 11.22 -7.91
C ASP B 18 6.19 9.91 -7.43
N ALA B 19 6.44 9.00 -8.36
CA ALA B 19 7.00 7.70 -8.02
C ALA B 19 8.44 7.83 -7.51
N PHE B 20 9.26 8.60 -8.20
CA PHE B 20 10.64 8.83 -7.78
C PHE B 20 10.68 9.40 -6.38
N LEU B 21 9.79 10.34 -6.12
CA LEU B 21 9.74 11.01 -4.84
C LEU B 21 9.19 10.11 -3.74
N HIS B 22 8.14 9.37 -4.07
CA HIS B 22 7.56 8.44 -3.12
C HIS B 22 8.59 7.40 -2.72
N GLU B 23 9.44 7.02 -3.67
CA GLU B 23 10.48 6.04 -3.39
C GLU B 23 11.49 6.63 -2.42
N ARG B 24 11.93 7.86 -2.70
CA ARG B 24 12.82 8.57 -1.79
C ARG B 24 12.25 8.59 -0.38
N LEU B 25 10.98 8.91 -0.26
CA LEU B 25 10.32 8.93 1.03
C LEU B 25 10.28 7.54 1.64
N TYR B 26 9.97 6.55 0.81
CA TYR B 26 9.88 5.18 1.26
C TYR B 26 11.19 4.73 1.89
N LEU B 27 12.30 5.03 1.23
CA LEU B 27 13.62 4.60 1.71
C LEU B 27 14.02 5.34 2.99
N ILE B 28 13.78 6.65 3.01
CA ILE B 28 14.03 7.46 4.20
C ILE B 28 13.16 7.00 5.36
N TYR B 29 11.92 6.65 5.06
CA TYR B 29 11.01 6.16 6.07
C TYR B 29 11.53 4.86 6.66
N MET B 30 12.06 3.99 5.80
CA MET B 30 12.62 2.72 6.23
C MET B 30 13.88 2.94 7.06
N ASP B 31 14.68 3.91 6.63
CA ASP B 31 15.93 4.24 7.31
C ASP B 31 15.70 4.76 8.72
N SER B 32 14.78 5.71 8.83
CA SER B 32 14.49 6.34 10.11
C SER B 32 13.86 5.34 11.05
N ARG B 33 13.04 4.46 10.48
CA ARG B 33 12.35 3.45 11.28
C ARG B 33 13.32 2.49 11.95
N ALA B 34 14.41 2.17 11.26
CA ALA B 34 15.43 1.30 11.82
C ALA B 34 16.13 2.01 12.98
N GLU B 35 16.32 3.32 12.82
CA GLU B 35 16.96 4.12 13.86
C GLU B 35 16.14 4.13 15.16
N LEU B 36 14.83 4.32 15.05
CA LEU B 36 13.97 4.30 16.24
C LEU B 36 14.01 2.97 16.99
N LYS B 37 13.86 1.85 16.27
CA LYS B 37 13.83 0.55 16.93
C LYS B 37 15.14 0.32 17.67
N ARG B 38 16.24 0.66 17.01
CA ARG B 38 17.57 0.53 17.60
C ARG B 38 17.67 1.41 18.84
N ASN B 39 17.18 2.65 18.73
CA ASN B 39 17.18 3.59 19.84
C ASN B 39 16.26 3.16 20.99
N SER B 40 15.09 2.64 20.66
CA SER B 40 14.15 2.16 21.67
C SER B 40 14.72 0.96 22.41
N THR B 41 15.44 0.12 21.67
CA THR B 41 16.01 -1.10 22.25
C THR B 41 17.08 -0.74 23.26
N LEU B 42 17.95 0.22 22.91
CA LEU B 42 19.02 0.67 23.80
C LEU B 42 18.50 1.37 25.05
N LYS B 43 17.59 2.32 24.85
CA LYS B 43 17.04 3.08 25.97
C LYS B 43 16.30 2.16 26.93
N LYS B 44 15.48 1.26 26.39
CA LYS B 44 14.74 0.32 27.22
C LYS B 44 15.67 -0.58 28.03
N LYS B 45 16.71 -1.08 27.38
CA LYS B 45 17.67 -1.97 28.04
C LYS B 45 18.32 -1.26 29.23
N PHE B 46 18.87 -0.08 28.96
CA PHE B 46 19.69 0.59 29.96
C PHE B 46 18.88 1.37 30.97
N PHE B 47 17.64 1.69 30.63
CA PHE B 47 16.73 2.26 31.62
C PHE B 47 16.37 1.19 32.66
N GLU B 48 15.98 0.02 32.17
CA GLU B 48 15.59 -1.08 33.06
C GLU B 48 16.78 -1.52 33.89
N LYS B 49 17.96 -1.52 33.29
CA LYS B 49 19.18 -1.82 34.02
C LYS B 49 19.39 -0.80 35.14
N TRP B 50 19.14 0.47 34.82
CA TRP B 50 19.27 1.55 35.78
C TRP B 50 18.23 1.41 36.90
N GLN B 51 16.97 1.22 36.52
CA GLN B 51 15.88 1.09 37.48
C GLN B 51 16.06 -0.09 38.43
N ALA B 52 16.93 -1.03 38.07
CA ALA B 52 17.16 -2.23 38.86
C ALA B 52 18.48 -2.18 39.64
N SER B 53 19.28 -1.15 39.39
CA SER B 53 20.56 -1.01 40.08
C SER B 53 20.35 -0.42 41.48
N THR C 2 -4.98 -0.57 -29.17
CA THR C 2 -4.09 -1.73 -29.13
C THR C 2 -3.48 -1.86 -27.73
N MET C 3 -2.65 -0.89 -27.35
CA MET C 3 -1.98 -0.89 -26.07
C MET C 3 -2.79 -0.12 -25.04
N ASP C 4 -3.13 -0.77 -23.92
CA ASP C 4 -3.89 -0.10 -22.88
C ASP C 4 -2.95 0.60 -21.91
N THR C 5 -3.50 1.38 -20.98
CA THR C 5 -2.69 2.21 -20.10
C THR C 5 -1.73 1.39 -19.24
N ALA C 6 -2.19 0.24 -18.76
CA ALA C 6 -1.36 -0.62 -17.94
C ALA C 6 -0.15 -1.14 -18.72
N GLN C 7 -0.38 -1.50 -19.99
CA GLN C 7 0.69 -2.00 -20.84
C GLN C 7 1.70 -0.89 -21.12
N LEU C 8 1.19 0.27 -21.52
CA LEU C 8 2.01 1.43 -21.78
C LEU C 8 2.91 1.81 -20.60
N LYS C 9 2.33 1.85 -19.40
CA LYS C 9 3.10 2.24 -18.23
C LYS C 9 4.09 1.15 -17.83
N SER C 10 3.74 -0.11 -18.05
CA SER C 10 4.66 -1.20 -17.78
C SER C 10 5.84 -1.16 -18.74
N GLN C 11 5.54 -0.74 -19.97
CA GLN C 11 6.55 -0.64 -21.01
C GLN C 11 7.44 0.57 -20.76
N ILE C 12 6.83 1.67 -20.32
CA ILE C 12 7.58 2.88 -20.01
C ILE C 12 8.57 2.61 -18.88
N GLN C 13 8.16 1.85 -17.87
CA GLN C 13 9.05 1.54 -16.77
C GLN C 13 10.14 0.53 -17.13
N GLN C 14 9.83 -0.46 -17.96
CA GLN C 14 10.85 -1.42 -18.36
C GLN C 14 11.96 -0.69 -19.10
N TYR C 15 11.57 0.27 -19.93
CA TYR C 15 12.51 1.02 -20.73
C TYR C 15 13.26 2.03 -19.88
N LEU C 16 12.58 2.61 -18.90
CA LEU C 16 13.20 3.54 -17.95
C LEU C 16 14.39 2.89 -17.23
N VAL C 17 14.19 1.65 -16.80
CA VAL C 17 15.21 0.89 -16.08
C VAL C 17 16.28 0.34 -17.04
N GLU C 18 15.86 -0.21 -18.16
CA GLU C 18 16.78 -0.80 -19.12
C GLU C 18 17.68 0.25 -19.75
N SER C 19 17.12 1.43 -20.00
CA SER C 19 17.87 2.53 -20.59
C SER C 19 18.90 3.09 -19.60
N GLY C 20 18.69 2.80 -18.32
CA GLY C 20 19.55 3.30 -17.27
C GLY C 20 19.07 4.63 -16.71
N ASN C 21 18.07 5.22 -17.35
CA ASN C 21 17.54 6.52 -16.91
C ASN C 21 16.92 6.47 -15.53
N TYR C 22 16.49 5.29 -15.09
CA TYR C 22 15.95 5.15 -13.75
C TYR C 22 16.98 5.59 -12.71
N GLU C 23 18.19 5.06 -12.82
CA GLU C 23 19.25 5.40 -11.88
C GLU C 23 19.72 6.84 -12.03
N LEU C 24 19.88 7.31 -13.27
CA LEU C 24 20.30 8.69 -13.51
C LEU C 24 19.37 9.70 -12.84
N ILE C 25 18.07 9.52 -12.99
CA ILE C 25 17.10 10.44 -12.41
C ILE C 25 17.05 10.26 -10.89
N SER C 26 17.01 9.01 -10.44
CA SER C 26 16.99 8.70 -9.01
C SER C 26 18.20 9.28 -8.32
N ASN C 27 19.37 9.17 -8.96
CA ASN C 27 20.62 9.71 -8.44
C ASN C 27 20.67 11.24 -8.43
N GLU C 28 20.28 11.83 -9.56
CA GLU C 28 20.23 13.29 -9.68
C GLU C 28 19.33 13.86 -8.60
N LEU C 29 18.20 13.22 -8.38
CA LEU C 29 17.22 13.68 -7.42
C LEU C 29 17.76 13.63 -6.00
N LYS C 30 18.27 12.46 -5.60
CA LYS C 30 18.74 12.27 -4.23
C LYS C 30 19.94 13.17 -3.93
N ALA C 31 20.66 13.55 -4.98
CA ALA C 31 21.78 14.48 -4.84
C ALA C 31 21.27 15.90 -4.63
N ARG C 32 20.25 16.30 -5.40
CA ARG C 32 19.66 17.62 -5.24
C ARG C 32 18.97 17.75 -3.89
N LEU C 33 18.33 16.67 -3.46
CA LEU C 33 17.59 16.67 -2.21
C LEU C 33 18.53 16.70 -1.01
N LEU C 34 19.70 16.09 -1.15
CA LEU C 34 20.72 16.13 -0.10
C LEU C 34 21.32 17.53 0.01
N GLN C 35 21.49 18.17 -1.15
CA GLN C 35 22.10 19.50 -1.21
C GLN C 35 21.27 20.51 -0.44
N GLU C 36 19.95 20.37 -0.50
CA GLU C 36 19.04 21.32 0.13
C GLU C 36 18.54 20.86 1.50
N GLY C 37 19.20 19.86 2.07
CA GLY C 37 18.87 19.40 3.41
C GLY C 37 17.47 18.82 3.52
N TRP C 38 16.93 18.41 2.38
CA TRP C 38 15.58 17.85 2.33
C TRP C 38 15.49 16.56 3.14
N VAL C 39 16.50 15.70 3.00
CA VAL C 39 16.49 14.40 3.66
C VAL C 39 16.34 14.60 5.17
N ASP C 40 17.23 15.40 5.74
CA ASP C 40 17.23 15.63 7.19
C ASP C 40 15.90 16.21 7.70
N LYS C 41 15.31 17.14 6.96
CA LYS C 41 14.01 17.67 7.40
C LYS C 41 12.98 16.55 7.37
N VAL C 42 12.98 15.77 6.28
CA VAL C 42 12.06 14.66 6.14
C VAL C 42 12.34 13.57 7.18
N LYS C 43 13.60 13.39 7.55
CA LYS C 43 13.95 12.43 8.58
C LYS C 43 13.33 12.87 9.90
N ASP C 44 13.53 14.14 10.25
CA ASP C 44 12.95 14.71 11.46
C ASP C 44 11.43 14.66 11.39
N LEU C 45 10.88 15.01 10.24
CA LEU C 45 9.43 14.95 10.04
C LEU C 45 8.90 13.54 10.19
N THR C 46 9.57 12.59 9.55
CA THR C 46 9.15 11.20 9.62
C THR C 46 9.30 10.73 11.06
N LYS C 47 10.43 11.08 11.66
CA LYS C 47 10.71 10.68 13.04
C LYS C 47 9.76 11.38 13.99
N SER C 48 9.45 12.63 13.68
CA SER C 48 8.55 13.42 14.52
C SER C 48 7.13 12.89 14.37
N GLU C 49 6.78 12.49 13.16
CA GLU C 49 5.44 11.95 12.88
C GLU C 49 5.25 10.50 13.32
N MET C 50 6.32 9.71 13.33
CA MET C 50 6.23 8.38 13.88
C MET C 50 5.77 8.56 15.33
N ASN C 51 6.28 9.62 15.95
CA ASN C 51 5.80 10.09 17.25
C ASN C 51 4.56 10.93 16.94
N ILE C 52 3.67 11.20 17.88
CA ILE C 52 3.82 10.99 19.30
C ILE C 52 3.72 9.50 19.64
N ASN C 53 2.83 8.82 18.93
CA ASN C 53 2.59 7.39 19.17
C ASN C 53 2.99 6.59 17.96
N GLU C 54 4.06 5.81 18.06
CA GLU C 54 4.32 4.87 17.00
C GLU C 54 3.16 3.90 17.14
N SER C 55 2.35 3.78 16.08
CA SER C 55 1.40 2.69 16.00
C SER C 55 1.96 1.84 14.89
N THR C 56 2.52 0.68 15.23
CA THR C 56 3.53 0.08 14.37
C THR C 56 3.02 -0.67 13.15
N ASN C 57 1.72 -0.90 13.06
CA ASN C 57 1.16 -1.33 11.79
C ASN C 57 0.95 -0.06 10.98
N PHE C 58 1.40 -0.07 9.73
CA PHE C 58 1.54 1.14 8.92
C PHE C 58 0.99 0.84 7.51
N THR C 59 1.01 1.76 6.55
CA THR C 59 1.55 3.13 6.63
C THR C 59 0.50 4.19 6.33
N GLN C 60 -0.43 4.44 7.25
CA GLN C 60 -1.39 5.54 7.07
C GLN C 60 -0.70 6.90 7.10
N ILE C 61 0.36 7.00 7.89
CA ILE C 61 1.04 8.26 8.14
C ILE C 61 1.76 8.88 6.94
N LEU C 62 2.32 8.04 6.06
CA LEU C 62 3.12 8.55 4.94
C LEU C 62 2.30 9.45 4.04
N SER C 63 1.01 9.15 3.93
CA SER C 63 0.10 9.93 3.10
C SER C 63 0.04 11.39 3.55
N THR C 64 0.24 11.61 4.85
CA THR C 64 0.25 12.96 5.42
C THR C 64 1.62 13.64 5.24
N VAL C 65 2.69 12.85 5.25
CA VAL C 65 4.04 13.41 5.23
C VAL C 65 4.42 13.85 3.82
N GLU C 66 3.96 13.09 2.82
CA GLU C 66 4.33 13.34 1.43
C GLU C 66 3.89 14.72 0.91
N PRO C 67 2.65 15.13 1.18
CA PRO C 67 2.13 16.43 0.72
C PRO C 67 3.04 17.59 1.09
N LYS C 68 3.37 17.74 2.37
CA LYS C 68 4.25 18.84 2.77
C LYS C 68 5.62 18.59 2.16
N ALA C 69 6.00 17.32 2.08
CA ALA C 69 7.30 16.94 1.54
C ALA C 69 7.33 17.24 0.05
N LEU C 70 6.19 17.09 -0.63
CA LEU C 70 6.10 17.43 -2.04
C LEU C 70 6.31 18.93 -2.20
N GLU C 71 5.64 19.70 -1.35
CA GLU C 71 5.74 21.16 -1.37
C GLU C 71 7.13 21.61 -0.92
N MET C 72 7.77 20.81 -0.09
CA MET C 72 9.02 21.18 0.56
C MET C 72 10.21 21.04 -0.39
N VAL C 73 9.96 20.48 -1.57
CA VAL C 73 11.00 20.33 -2.59
C VAL C 73 11.23 21.66 -3.29
N SER C 74 12.49 22.05 -3.44
CA SER C 74 12.82 23.30 -4.09
C SER C 74 12.35 23.28 -5.53
N ASP C 75 11.86 24.42 -6.00
CA ASP C 75 11.37 24.54 -7.37
C ASP C 75 12.48 24.20 -8.35
N SER C 76 13.72 24.57 -8.00
CA SER C 76 14.87 24.27 -8.83
C SER C 76 15.05 22.77 -9.03
N THR C 77 14.95 22.01 -7.95
CA THR C 77 15.10 20.56 -8.01
C THR C 77 13.94 19.94 -8.76
N ARG C 78 12.72 20.30 -8.36
CA ARG C 78 11.52 19.76 -8.97
C ARG C 78 11.47 20.01 -10.48
N GLU C 79 11.74 21.25 -10.88
CA GLU C 79 11.72 21.58 -12.30
C GLU C 79 12.83 20.86 -13.05
N THR C 80 14.00 20.77 -12.45
CA THR C 80 15.14 20.11 -13.07
C THR C 80 14.85 18.63 -13.33
N VAL C 81 14.31 17.95 -12.32
CA VAL C 81 14.02 16.53 -12.44
C VAL C 81 12.85 16.29 -13.41
N LEU C 82 11.82 17.12 -13.33
CA LEU C 82 10.68 17.02 -14.24
C LEU C 82 11.14 17.19 -15.69
N LYS C 83 12.16 18.01 -15.90
CA LYS C 83 12.67 18.27 -17.23
C LYS C 83 13.39 17.04 -17.77
N GLN C 84 14.16 16.37 -16.91
CA GLN C 84 14.84 15.14 -17.29
C GLN C 84 13.85 14.04 -17.65
N ILE C 85 12.84 13.86 -16.80
CA ILE C 85 11.82 12.84 -17.01
C ILE C 85 11.09 13.07 -18.33
N ARG C 86 10.65 14.29 -18.57
CA ARG C 86 9.94 14.62 -19.81
C ARG C 86 10.86 14.38 -21.02
N GLU C 87 12.13 14.74 -20.87
CA GLU C 87 13.11 14.49 -21.94
C GLU C 87 13.21 13.01 -22.29
N PHE C 88 13.17 12.15 -21.28
CA PHE C 88 13.26 10.71 -21.50
C PHE C 88 12.02 10.21 -22.22
N LEU C 89 10.86 10.72 -21.83
CA LEU C 89 9.59 10.32 -22.42
C LEU C 89 9.48 10.77 -23.87
N GLU C 90 9.92 12.01 -24.15
CA GLU C 90 9.84 12.55 -25.50
C GLU C 90 10.59 11.67 -26.50
N GLU C 91 11.67 11.06 -26.03
CA GLU C 91 12.50 10.17 -26.85
C GLU C 91 11.89 8.79 -27.09
N ILE C 92 10.89 8.42 -26.28
CA ILE C 92 10.45 7.03 -26.23
C ILE C 92 9.03 6.89 -26.78
N VAL C 93 8.22 7.94 -26.63
CA VAL C 93 6.86 7.96 -27.14
C VAL C 93 6.84 8.26 -28.65
N ASP C 94 6.05 7.50 -29.41
CA ASP C 94 6.04 7.62 -30.87
C ASP C 94 5.06 8.65 -31.40
N THR C 95 5.01 8.77 -32.73
CA THR C 95 4.08 9.65 -33.42
C THR C 95 4.35 11.12 -33.09
N LEU D 13 -19.94 1.65 -36.01
CA LEU D 13 -19.93 1.71 -34.56
C LEU D 13 -19.05 2.85 -34.06
N ASN D 14 -17.91 3.06 -34.72
CA ASN D 14 -17.00 4.14 -34.35
C ASN D 14 -17.65 5.51 -34.51
N SER D 15 -18.49 5.65 -35.54
CA SER D 15 -19.17 6.91 -35.80
C SER D 15 -20.32 7.09 -34.79
N GLU D 16 -20.91 5.97 -34.39
CA GLU D 16 -22.02 5.99 -33.44
C GLU D 16 -21.57 6.41 -32.05
N LEU D 17 -20.39 5.93 -31.64
CA LEU D 17 -19.87 6.23 -30.31
C LEU D 17 -19.20 7.59 -30.24
N LEU D 18 -19.49 8.32 -29.17
CA LEU D 18 -18.81 9.58 -28.90
C LEU D 18 -17.38 9.28 -28.46
N GLU D 19 -16.49 10.26 -28.58
CA GLU D 19 -15.11 10.09 -28.15
C GLU D 19 -15.07 9.85 -26.63
N GLU D 20 -16.04 10.40 -25.92
CA GLU D 20 -16.13 10.24 -24.47
C GLU D 20 -16.36 8.77 -24.11
N GLN D 21 -17.24 8.11 -24.86
CA GLN D 21 -17.58 6.73 -24.60
C GLN D 21 -16.44 5.79 -24.95
N LYS D 22 -15.67 6.15 -25.98
CA LYS D 22 -14.49 5.37 -26.37
C LYS D 22 -13.46 5.41 -25.26
N GLN D 23 -13.26 6.59 -24.69
CA GLN D 23 -12.32 6.75 -23.58
C GLN D 23 -12.81 5.99 -22.37
N GLU D 24 -14.13 6.02 -22.16
CA GLU D 24 -14.73 5.29 -21.06
C GLU D 24 -14.42 3.81 -21.19
N ILE D 25 -14.49 3.29 -22.42
CA ILE D 25 -14.19 1.88 -22.69
C ILE D 25 -12.70 1.59 -22.47
N TYR D 26 -11.85 2.45 -23.01
CA TYR D 26 -10.41 2.28 -22.92
C TYR D 26 -9.94 2.26 -21.46
N GLU D 27 -10.51 3.14 -20.65
CA GLU D 27 -10.11 3.28 -19.25
C GLU D 27 -10.59 2.12 -18.38
N ALA D 28 -11.81 1.65 -18.65
CA ALA D 28 -12.38 0.52 -17.92
C ALA D 28 -11.50 -0.71 -18.09
N PHE D 29 -11.06 -0.95 -19.32
CA PHE D 29 -10.23 -2.10 -19.63
C PHE D 29 -8.85 -1.95 -19.00
N SER D 30 -8.24 -0.78 -19.16
CA SER D 30 -6.91 -0.51 -18.61
C SER D 30 -6.90 -0.68 -17.10
N LEU D 31 -7.98 -0.24 -16.47
CA LEU D 31 -8.08 -0.24 -15.02
C LEU D 31 -7.98 -1.63 -14.40
N PHE D 32 -8.42 -2.65 -15.12
CA PHE D 32 -8.46 -4.01 -14.57
C PHE D 32 -7.51 -4.99 -15.25
N ASP D 33 -6.65 -4.47 -16.11
CA ASP D 33 -5.57 -5.28 -16.69
C ASP D 33 -4.39 -5.31 -15.73
N MET D 34 -4.52 -6.16 -14.71
CA MET D 34 -3.57 -6.23 -13.60
C MET D 34 -2.21 -6.81 -14.02
N ASN D 35 -2.22 -7.69 -15.01
CA ASN D 35 -0.99 -8.31 -15.51
C ASN D 35 -0.19 -7.36 -16.41
N ASN D 36 -0.85 -6.32 -16.90
CA ASN D 36 -0.26 -5.40 -17.87
C ASN D 36 0.07 -6.07 -19.19
N ASP D 37 -0.74 -7.05 -19.59
CA ASP D 37 -0.47 -7.83 -20.80
C ASP D 37 -1.54 -7.70 -21.89
N GLY D 38 -2.50 -6.81 -21.68
CA GLY D 38 -3.53 -6.56 -22.67
C GLY D 38 -4.65 -7.59 -22.69
N PHE D 39 -4.76 -8.38 -21.63
CA PHE D 39 -5.80 -9.41 -21.54
C PHE D 39 -6.55 -9.32 -20.22
N LEU D 40 -7.81 -9.73 -20.25
CA LEU D 40 -8.62 -9.83 -19.04
C LEU D 40 -9.16 -11.23 -18.88
N ASP D 41 -9.02 -11.78 -17.68
CA ASP D 41 -9.66 -13.04 -17.32
C ASP D 41 -11.11 -12.80 -16.93
N TYR D 42 -11.81 -13.86 -16.56
CA TYR D 42 -13.23 -13.76 -16.21
C TYR D 42 -13.53 -12.67 -15.18
N HIS D 43 -12.87 -12.74 -14.02
CA HIS D 43 -13.13 -11.79 -12.94
C HIS D 43 -12.85 -10.35 -13.34
N GLU D 44 -11.69 -10.09 -13.90
CA GLU D 44 -11.31 -8.74 -14.34
C GLU D 44 -12.31 -8.21 -15.37
N LEU D 45 -12.81 -9.10 -16.22
CA LEU D 45 -13.77 -8.70 -17.24
C LEU D 45 -15.10 -8.37 -16.57
N LYS D 46 -15.44 -9.13 -15.54
CA LYS D 46 -16.71 -8.94 -14.82
C LYS D 46 -16.78 -7.54 -14.24
N VAL D 47 -15.68 -7.09 -13.63
CA VAL D 47 -15.65 -5.78 -13.00
C VAL D 47 -15.42 -4.64 -14.00
N ALA D 48 -14.70 -4.91 -15.08
CA ALA D 48 -14.52 -3.91 -16.14
C ALA D 48 -15.89 -3.57 -16.74
N MET D 49 -16.73 -4.58 -16.84
CA MET D 49 -18.05 -4.42 -17.39
C MET D 49 -18.92 -3.70 -16.35
N LYS D 50 -18.67 -3.99 -15.08
CA LYS D 50 -19.32 -3.28 -13.99
C LYS D 50 -18.93 -1.79 -13.99
N ALA D 51 -17.67 -1.52 -14.31
CA ALA D 51 -17.17 -0.15 -14.41
C ALA D 51 -17.89 0.65 -15.49
N LEU D 52 -18.53 -0.06 -16.42
CA LEU D 52 -19.29 0.56 -17.50
C LEU D 52 -20.80 0.46 -17.27
N GLY D 53 -21.17 0.00 -16.08
CA GLY D 53 -22.57 -0.04 -15.70
C GLY D 53 -23.31 -1.26 -16.19
N PHE D 54 -22.56 -2.34 -16.47
CA PHE D 54 -23.13 -3.57 -16.96
C PHE D 54 -22.84 -4.74 -16.03
N GLU D 55 -23.89 -5.28 -15.43
CA GLU D 55 -23.77 -6.44 -14.55
C GLU D 55 -24.49 -7.60 -15.21
N LEU D 56 -23.72 -8.49 -15.82
CA LEU D 56 -24.25 -9.61 -16.60
C LEU D 56 -24.04 -10.94 -15.92
N PRO D 57 -24.94 -11.91 -16.16
CA PRO D 57 -24.84 -13.25 -15.59
C PRO D 57 -23.59 -14.00 -16.05
N LYS D 58 -23.09 -14.90 -15.23
CA LYS D 58 -21.87 -15.64 -15.50
C LYS D 58 -21.90 -16.30 -16.89
N ARG D 59 -23.03 -16.90 -17.24
CA ARG D 59 -23.18 -17.53 -18.56
C ARG D 59 -22.92 -16.56 -19.71
N GLU D 60 -23.44 -15.35 -19.62
CA GLU D 60 -23.24 -14.36 -20.70
C GLU D 60 -21.79 -13.94 -20.83
N ILE D 61 -21.10 -13.80 -19.71
CA ILE D 61 -19.71 -13.38 -19.71
C ILE D 61 -18.83 -14.48 -20.31
N LEU D 62 -19.05 -15.72 -19.86
CA LEU D 62 -18.30 -16.86 -20.37
C LEU D 62 -18.52 -17.08 -21.86
N ASP D 63 -19.76 -16.92 -22.30
CA ASP D 63 -20.09 -17.04 -23.72
C ASP D 63 -19.34 -15.98 -24.52
N LEU D 64 -19.31 -14.76 -23.98
CA LEU D 64 -18.64 -13.65 -24.64
C LEU D 64 -17.15 -13.93 -24.74
N ILE D 65 -16.55 -14.45 -23.68
CA ILE D 65 -15.14 -14.79 -23.68
C ILE D 65 -14.89 -15.88 -24.72
N ASP D 66 -15.66 -16.95 -24.63
CA ASP D 66 -15.50 -18.10 -25.52
C ASP D 66 -15.65 -17.72 -26.99
N GLU D 67 -16.51 -16.74 -27.27
CA GLU D 67 -16.77 -16.32 -28.65
C GLU D 67 -15.55 -15.68 -29.31
N TYR D 68 -14.66 -15.11 -28.50
CA TYR D 68 -13.46 -14.45 -29.03
C TYR D 68 -12.16 -15.10 -28.55
N ASP D 69 -12.29 -16.19 -27.81
CA ASP D 69 -11.12 -16.86 -27.22
C ASP D 69 -10.46 -17.86 -28.17
N SER D 70 -9.72 -17.35 -29.16
CA SER D 70 -9.02 -18.20 -30.12
C SER D 70 -7.95 -19.05 -29.45
N GLU D 71 -7.24 -18.45 -28.51
CA GLU D 71 -6.11 -19.10 -27.87
C GLU D 71 -6.53 -20.27 -26.96
N GLY D 72 -7.73 -20.20 -26.41
CA GLY D 72 -8.17 -21.18 -25.42
C GLY D 72 -7.66 -20.79 -24.04
N ARG D 73 -7.18 -19.55 -23.95
CA ARG D 73 -6.67 -18.97 -22.71
C ARG D 73 -7.79 -18.58 -21.75
N HIS D 74 -8.98 -18.36 -22.29
CA HIS D 74 -10.14 -17.84 -21.55
C HIS D 74 -9.94 -16.37 -21.19
N LEU D 75 -9.29 -15.64 -22.09
CA LEU D 75 -9.01 -14.22 -21.91
C LEU D 75 -9.69 -13.39 -22.98
N MET D 76 -9.96 -12.11 -22.68
CA MET D 76 -10.45 -11.18 -23.70
C MET D 76 -9.44 -10.05 -23.92
N LYS D 77 -9.11 -9.79 -25.19
CA LYS D 77 -8.24 -8.66 -25.55
C LYS D 77 -9.08 -7.41 -25.73
N TYR D 78 -8.42 -6.25 -25.70
CA TYR D 78 -9.14 -4.96 -25.77
C TYR D 78 -9.96 -4.78 -27.04
N ASP D 79 -9.40 -5.15 -28.19
CA ASP D 79 -10.09 -4.96 -29.46
C ASP D 79 -11.46 -5.65 -29.53
N ASP D 80 -11.57 -6.81 -28.90
CA ASP D 80 -12.84 -7.51 -28.80
C ASP D 80 -13.73 -6.90 -27.72
N PHE D 81 -13.11 -6.51 -26.61
CA PHE D 81 -13.82 -5.87 -25.51
C PHE D 81 -14.48 -4.62 -26.06
N TYR D 82 -13.75 -3.92 -26.93
CA TYR D 82 -14.23 -2.72 -27.58
C TYR D 82 -15.47 -2.95 -28.44
N ILE D 83 -15.46 -3.99 -29.28
CA ILE D 83 -16.63 -4.29 -30.13
C ILE D 83 -17.82 -4.60 -29.23
N VAL D 84 -17.62 -5.52 -28.29
CA VAL D 84 -18.69 -5.96 -27.41
C VAL D 84 -19.28 -4.82 -26.59
N MET D 85 -18.43 -4.06 -25.90
CA MET D 85 -18.92 -2.97 -25.05
C MET D 85 -19.45 -1.80 -25.87
N GLY D 86 -18.86 -1.56 -27.03
CA GLY D 86 -19.33 -0.50 -27.91
C GLY D 86 -20.80 -0.71 -28.24
N GLU D 87 -21.16 -1.96 -28.54
CA GLU D 87 -22.55 -2.29 -28.87
C GLU D 87 -23.49 -2.08 -27.69
N LYS D 88 -23.06 -2.50 -26.49
CA LYS D 88 -23.90 -2.44 -25.30
C LYS D 88 -24.17 -0.99 -24.92
N ILE D 89 -23.16 -0.14 -25.07
CA ILE D 89 -23.26 1.26 -24.67
C ILE D 89 -24.22 2.04 -25.57
N LEU D 90 -24.29 1.66 -26.84
CA LEU D 90 -25.19 2.33 -27.78
C LEU D 90 -26.66 2.08 -27.43
N LYS D 91 -26.94 1.01 -26.67
CA LYS D 91 -28.30 0.69 -26.27
C LYS D 91 -28.71 1.24 -24.90
N ARG D 92 -27.80 1.95 -24.22
CA ARG D 92 -28.08 2.51 -22.90
C ARG D 92 -29.36 3.36 -22.91
N ASP D 93 -30.18 3.19 -21.87
CA ASP D 93 -31.34 4.04 -21.67
C ASP D 93 -30.83 5.42 -21.21
N PRO D 94 -31.05 6.47 -22.02
CA PRO D 94 -30.52 7.80 -21.66
C PRO D 94 -31.02 8.31 -20.30
N LEU D 95 -32.28 8.01 -19.97
CA LEU D 95 -32.88 8.50 -18.73
C LEU D 95 -32.30 7.75 -17.52
N ASP D 96 -31.99 6.48 -17.71
CA ASP D 96 -31.48 5.66 -16.64
C ASP D 96 -30.12 6.18 -16.19
N GLU D 97 -29.28 6.56 -17.15
CA GLU D 97 -27.98 7.14 -16.83
C GLU D 97 -28.17 8.46 -16.06
N ILE D 98 -29.07 9.30 -16.57
CA ILE D 98 -29.37 10.59 -15.95
C ILE D 98 -29.86 10.38 -14.52
N LYS D 99 -30.77 9.44 -14.35
CA LYS D 99 -31.33 9.13 -13.03
C LYS D 99 -30.26 8.57 -12.11
N ARG D 100 -29.39 7.72 -12.66
CA ARG D 100 -28.31 7.14 -11.89
C ARG D 100 -27.37 8.25 -11.43
N ALA D 101 -27.11 9.21 -12.32
CA ALA D 101 -26.25 10.35 -12.00
C ALA D 101 -26.83 11.21 -10.88
N PHE D 102 -28.11 11.54 -10.97
CA PHE D 102 -28.77 12.37 -9.97
C PHE D 102 -28.53 11.83 -8.56
N GLN D 103 -28.69 10.53 -8.40
CA GLN D 103 -28.51 9.87 -7.12
C GLN D 103 -27.09 10.12 -6.62
N LEU D 104 -26.14 10.13 -7.54
CA LEU D 104 -24.73 10.32 -7.19
C LEU D 104 -24.46 11.76 -6.77
N PHE D 105 -25.19 12.70 -7.38
CA PHE D 105 -25.15 14.10 -6.95
C PHE D 105 -25.83 14.20 -5.59
N ASP D 106 -27.00 13.56 -5.48
CA ASP D 106 -27.78 13.55 -4.26
C ASP D 106 -27.28 12.47 -3.30
N ASP D 107 -26.02 12.59 -2.88
CA ASP D 107 -25.42 11.58 -2.01
C ASP D 107 -25.98 11.65 -0.59
N ASP D 108 -26.45 12.83 -0.18
CA ASP D 108 -27.09 13.00 1.12
C ASP D 108 -28.50 12.42 1.15
N HIS D 109 -29.04 12.11 -0.03
CA HIS D 109 -30.34 11.46 -0.20
C HIS D 109 -31.49 12.35 0.26
N THR D 110 -31.34 13.66 0.10
CA THR D 110 -32.41 14.60 0.42
C THR D 110 -33.46 14.69 -0.69
N GLY D 111 -33.17 14.09 -1.85
CA GLY D 111 -34.06 14.16 -2.98
C GLY D 111 -33.83 15.42 -3.81
N LYS D 112 -32.84 16.21 -3.40
CA LYS D 112 -32.51 17.46 -4.09
C LYS D 112 -31.01 17.67 -4.08
N ILE D 113 -30.50 18.31 -5.13
CA ILE D 113 -29.09 18.66 -5.19
C ILE D 113 -28.89 20.04 -4.59
N SER D 114 -28.32 20.08 -3.39
CA SER D 114 -28.02 21.34 -2.73
C SER D 114 -26.77 21.96 -3.33
N ILE D 115 -26.47 23.20 -2.95
CA ILE D 115 -25.24 23.84 -3.37
C ILE D 115 -24.08 23.04 -2.79
N LYS D 116 -24.33 22.47 -1.60
CA LYS D 116 -23.33 21.66 -0.91
C LYS D 116 -23.01 20.43 -1.75
N ASN D 117 -24.06 19.78 -2.25
CA ASN D 117 -23.92 18.61 -3.11
C ASN D 117 -23.10 18.94 -4.36
N LEU D 118 -23.50 20.01 -5.04
CA LEU D 118 -22.83 20.45 -6.26
C LEU D 118 -21.38 20.84 -6.00
N ARG D 119 -21.12 21.41 -4.83
CA ARG D 119 -19.76 21.83 -4.47
C ARG D 119 -18.87 20.61 -4.23
N ARG D 120 -19.45 19.58 -3.63
CA ARG D 120 -18.74 18.35 -3.34
C ARG D 120 -18.36 17.64 -4.64
N VAL D 121 -19.27 17.63 -5.60
CA VAL D 121 -19.00 17.07 -6.92
C VAL D 121 -17.88 17.83 -7.61
N ALA D 122 -17.95 19.17 -7.55
CA ALA D 122 -16.93 20.01 -8.17
C ALA D 122 -15.56 19.73 -7.54
N LYS D 123 -15.58 19.40 -6.25
CA LYS D 123 -14.36 19.12 -5.51
C LYS D 123 -13.76 17.79 -5.96
N GLU D 124 -14.62 16.80 -6.17
CA GLU D 124 -14.17 15.48 -6.63
C GLU D 124 -13.58 15.54 -8.04
N LEU D 125 -14.18 16.33 -8.91
CA LEU D 125 -13.72 16.45 -10.29
C LEU D 125 -12.58 17.44 -10.43
N GLY D 126 -12.19 18.08 -9.32
CA GLY D 126 -11.11 19.03 -9.33
C GLY D 126 -11.43 20.26 -10.16
N GLU D 127 -12.72 20.63 -10.20
CA GLU D 127 -13.17 21.78 -10.95
C GLU D 127 -12.88 23.06 -10.18
N THR D 128 -12.23 24.02 -10.84
CA THR D 128 -11.99 25.33 -10.27
C THR D 128 -13.15 26.25 -10.60
N LEU D 129 -14.12 26.33 -9.69
CA LEU D 129 -15.36 27.07 -9.94
C LEU D 129 -15.79 27.88 -8.72
N THR D 130 -16.19 29.12 -8.97
CA THR D 130 -16.61 30.04 -7.93
C THR D 130 -17.96 29.62 -7.37
N ASP D 131 -18.23 29.99 -6.12
CA ASP D 131 -19.51 29.68 -5.49
C ASP D 131 -20.67 30.25 -6.32
N GLU D 132 -20.52 31.50 -6.77
CA GLU D 132 -21.52 32.11 -7.63
C GLU D 132 -21.73 31.35 -8.93
N GLU D 133 -20.64 30.84 -9.51
CA GLU D 133 -20.75 30.06 -10.74
C GLU D 133 -21.54 28.77 -10.49
N LEU D 134 -21.35 28.18 -9.32
CA LEU D 134 -22.13 27.00 -8.93
C LEU D 134 -23.57 27.40 -8.62
N ARG D 135 -23.73 28.51 -7.90
CA ARG D 135 -25.06 29.02 -7.62
C ARG D 135 -25.79 29.34 -8.91
N ALA D 136 -25.06 29.91 -9.87
CA ALA D 136 -25.64 30.23 -11.18
C ALA D 136 -26.12 28.97 -11.89
N MET D 137 -25.33 27.91 -11.83
CA MET D 137 -25.69 26.63 -12.44
C MET D 137 -27.03 26.13 -11.88
N ILE D 138 -27.23 26.35 -10.59
CA ILE D 138 -28.47 25.95 -9.93
C ILE D 138 -29.61 26.89 -10.31
N GLU D 139 -29.37 28.19 -10.22
CA GLU D 139 -30.39 29.20 -10.52
C GLU D 139 -30.99 29.07 -11.92
N GLU D 140 -30.15 28.74 -12.91
CA GLU D 140 -30.60 28.65 -14.30
C GLU D 140 -31.65 27.58 -14.55
N PHE D 141 -31.75 26.61 -13.66
CA PHE D 141 -32.66 25.49 -13.85
C PHE D 141 -33.51 25.21 -12.61
N ASP D 142 -33.36 26.04 -11.60
CA ASP D 142 -34.19 25.96 -10.40
C ASP D 142 -35.57 26.55 -10.67
N LEU D 143 -36.58 25.69 -10.79
CA LEU D 143 -37.94 26.14 -11.10
C LEU D 143 -38.75 26.40 -9.82
N ASP D 144 -38.40 25.70 -8.74
CA ASP D 144 -39.11 25.86 -7.47
C ASP D 144 -38.68 27.12 -6.72
N GLY D 145 -37.47 27.58 -7.00
CA GLY D 145 -36.92 28.74 -6.30
C GLY D 145 -36.52 28.45 -4.86
N ASP D 146 -36.33 27.18 -4.54
CA ASP D 146 -35.92 26.78 -3.19
C ASP D 146 -34.40 26.69 -3.05
N GLY D 147 -33.68 27.09 -4.09
CA GLY D 147 -32.23 27.07 -4.06
C GLY D 147 -31.60 25.71 -4.26
N GLU D 148 -32.41 24.73 -4.65
CA GLU D 148 -31.94 23.37 -4.84
C GLU D 148 -32.57 22.73 -6.08
N ILE D 149 -31.91 21.72 -6.62
CA ILE D 149 -32.35 21.06 -7.85
C ILE D 149 -32.95 19.68 -7.58
N ASN D 150 -34.23 19.52 -7.85
CA ASN D 150 -34.88 18.22 -7.75
C ASN D 150 -34.60 17.39 -8.99
N GLU D 151 -35.04 16.13 -9.01
CA GLU D 151 -34.71 15.23 -10.11
C GLU D 151 -35.28 15.70 -11.45
N ASN D 152 -36.56 16.05 -11.47
CA ASN D 152 -37.20 16.49 -12.71
C ASN D 152 -36.49 17.71 -13.30
N GLU D 153 -35.97 18.57 -12.42
CA GLU D 153 -35.19 19.73 -12.86
C GLU D 153 -33.82 19.29 -13.38
N PHE D 154 -33.23 18.29 -12.74
CA PHE D 154 -31.96 17.73 -13.19
C PHE D 154 -32.12 17.10 -14.57
N ILE D 155 -33.22 16.36 -14.75
CA ILE D 155 -33.54 15.75 -16.02
C ILE D 155 -33.71 16.81 -17.11
N ALA D 156 -34.35 17.91 -16.77
CA ALA D 156 -34.60 18.99 -17.71
C ALA D 156 -33.29 19.51 -18.32
N ILE D 157 -32.25 19.57 -17.49
CA ILE D 157 -30.92 19.98 -17.93
C ILE D 157 -30.32 19.03 -18.95
N CYS D 158 -30.45 17.73 -18.68
CA CYS D 158 -29.76 16.71 -19.47
C CYS D 158 -30.55 16.34 -20.71
N THR D 159 -31.80 16.77 -20.74
CA THR D 159 -32.71 16.45 -21.84
C THR D 159 -32.78 17.55 -22.89
N ASP D 160 -32.17 18.69 -22.62
CA ASP D 160 -32.22 19.83 -23.53
C ASP D 160 -31.74 19.39 -24.91
N SER D 161 -30.73 18.52 -24.91
CA SER D 161 -30.14 18.00 -26.14
C SER D 161 -29.87 19.08 -27.18
N ASN E 3 5.67 -35.54 13.60
CA ASN E 3 5.73 -34.37 14.48
C ASN E 3 6.20 -33.14 13.72
N TYR E 4 7.15 -33.33 12.82
CA TYR E 4 7.64 -32.23 11.99
C TYR E 4 6.58 -31.96 10.94
N ARG E 5 5.87 -33.02 10.58
CA ARG E 5 4.76 -32.96 9.63
C ARG E 5 3.63 -32.05 10.16
N LYS E 6 3.35 -32.15 11.45
CA LYS E 6 2.29 -31.34 12.04
C LYS E 6 2.67 -29.86 12.04
N ASP E 7 3.95 -29.58 12.30
CA ASP E 7 4.46 -28.21 12.25
C ASP E 7 4.29 -27.70 10.83
N PHE E 8 4.54 -28.57 9.87
CA PHE E 8 4.38 -28.25 8.45
C PHE E 8 2.91 -27.98 8.11
N ILE E 9 2.02 -28.82 8.63
CA ILE E 9 0.58 -28.65 8.38
C ILE E 9 0.05 -27.36 9.01
N ASP E 10 0.48 -27.07 10.23
CA ASP E 10 0.05 -25.86 10.91
C ASP E 10 0.47 -24.62 10.13
N THR E 11 1.69 -24.65 9.60
CA THR E 11 2.21 -23.56 8.81
C THR E 11 1.39 -23.40 7.52
N MET E 12 1.13 -24.52 6.84
CA MET E 12 0.38 -24.49 5.58
C MET E 12 -1.07 -24.05 5.75
N THR E 13 -1.69 -24.48 6.85
CA THR E 13 -3.07 -24.09 7.15
C THR E 13 -3.17 -22.58 7.32
N ARG E 14 -2.20 -22.01 8.03
CA ARG E 14 -2.18 -20.57 8.27
C ARG E 14 -1.93 -19.78 6.99
N GLU E 15 -1.01 -20.25 6.16
CA GLU E 15 -0.70 -19.58 4.90
C GLU E 15 -1.87 -19.63 3.92
N LEU E 16 -2.54 -20.77 3.87
CA LEU E 16 -3.69 -20.95 2.99
C LEU E 16 -4.85 -20.06 3.45
N TYR E 17 -5.09 -20.04 4.75
CA TYR E 17 -6.14 -19.22 5.32
C TYR E 17 -5.92 -17.75 5.00
N ASP E 18 -4.67 -17.30 5.10
CA ASP E 18 -4.31 -15.94 4.76
C ASP E 18 -4.61 -15.64 3.29
N ALA E 19 -4.33 -16.62 2.43
CA ALA E 19 -4.52 -16.45 1.00
C ALA E 19 -6.00 -16.31 0.62
N PHE E 20 -6.83 -17.20 1.14
CA PHE E 20 -8.26 -17.17 0.89
C PHE E 20 -8.86 -15.84 1.33
N LEU E 21 -8.46 -15.38 2.50
CA LEU E 21 -9.01 -14.17 3.08
C LEU E 21 -8.50 -12.94 2.34
N HIS E 22 -7.22 -12.96 2.02
CA HIS E 22 -6.61 -11.90 1.23
C HIS E 22 -7.30 -11.80 -0.13
N GLU E 23 -7.70 -12.94 -0.66
CA GLU E 23 -8.41 -12.94 -1.94
C GLU E 23 -9.78 -12.28 -1.82
N ARG E 24 -10.52 -12.66 -0.78
CA ARG E 24 -11.82 -12.04 -0.50
C ARG E 24 -11.70 -10.51 -0.51
N LEU E 25 -10.66 -10.00 0.13
CA LEU E 25 -10.41 -8.56 0.17
C LEU E 25 -10.14 -8.02 -1.23
N TYR E 26 -9.31 -8.76 -1.96
CA TYR E 26 -8.93 -8.37 -3.31
C TYR E 26 -10.16 -8.20 -4.19
N LEU E 27 -11.09 -9.15 -4.08
CA LEU E 27 -12.30 -9.12 -4.88
C LEU E 27 -13.20 -7.97 -4.45
N ILE E 28 -13.28 -7.72 -3.15
CA ILE E 28 -14.03 -6.58 -2.64
C ILE E 28 -13.39 -5.28 -3.16
N TYR E 29 -12.07 -5.25 -3.21
CA TYR E 29 -11.33 -4.10 -3.73
C TYR E 29 -11.61 -3.86 -5.21
N MET E 30 -11.62 -4.94 -6.00
CA MET E 30 -11.86 -4.85 -7.43
C MET E 30 -13.29 -4.40 -7.70
N ASP E 31 -14.19 -4.91 -6.88
CA ASP E 31 -15.61 -4.59 -6.97
C ASP E 31 -15.80 -3.10 -6.68
N SER E 32 -15.16 -2.63 -5.61
CA SER E 32 -15.29 -1.25 -5.17
C SER E 32 -14.67 -0.28 -6.17
N ARG E 33 -13.54 -0.65 -6.74
CA ARG E 33 -12.87 0.20 -7.71
C ARG E 33 -13.74 0.40 -8.95
N ALA E 34 -14.47 -0.64 -9.34
CA ALA E 34 -15.37 -0.56 -10.49
C ALA E 34 -16.54 0.37 -10.23
N GLU E 35 -17.08 0.32 -9.01
CA GLU E 35 -18.17 1.21 -8.62
C GLU E 35 -17.72 2.66 -8.66
N LEU E 36 -16.52 2.89 -8.13
CA LEU E 36 -15.97 4.23 -8.09
C LEU E 36 -15.81 4.78 -9.51
N LYS E 37 -15.20 3.98 -10.39
CA LYS E 37 -14.94 4.41 -11.76
C LYS E 37 -16.25 4.72 -12.48
N ARG E 38 -17.23 3.85 -12.30
CA ARG E 38 -18.54 4.02 -12.91
C ARG E 38 -19.20 5.32 -12.41
N ASN E 39 -19.15 5.52 -11.10
CA ASN E 39 -19.73 6.70 -10.48
C ASN E 39 -19.04 8.00 -10.89
N SER E 40 -17.71 7.94 -10.98
CA SER E 40 -16.91 9.10 -11.37
C SER E 40 -17.19 9.51 -12.82
N THR E 41 -17.37 8.53 -13.70
CA THR E 41 -17.63 8.80 -15.11
C THR E 41 -18.97 9.49 -15.29
N LEU E 42 -19.98 8.99 -14.58
CA LEU E 42 -21.31 9.57 -14.67
C LEU E 42 -21.33 10.99 -14.14
N LYS E 43 -20.71 11.20 -12.98
CA LYS E 43 -20.67 12.53 -12.39
C LYS E 43 -19.93 13.52 -13.28
N LYS E 44 -18.77 13.12 -13.78
CA LYS E 44 -17.99 13.99 -14.67
C LYS E 44 -18.78 14.32 -15.93
N LYS E 45 -19.41 13.32 -16.51
CA LYS E 45 -20.18 13.49 -17.73
C LYS E 45 -21.29 14.52 -17.55
N PHE E 46 -22.11 14.34 -16.53
CA PHE E 46 -23.32 15.16 -16.39
C PHE E 46 -23.04 16.49 -15.73
N PHE E 47 -21.91 16.59 -15.03
CA PHE E 47 -21.47 17.86 -14.52
C PHE E 47 -21.08 18.77 -15.68
N GLU E 48 -20.25 18.27 -16.58
CA GLU E 48 -19.80 19.05 -17.72
C GLU E 48 -20.97 19.37 -18.66
N LYS E 49 -21.87 18.40 -18.81
CA LYS E 49 -23.09 18.60 -19.58
C LYS E 49 -23.90 19.74 -18.95
N TRP E 50 -23.99 19.73 -17.62
CA TRP E 50 -24.68 20.78 -16.88
C TRP E 50 -23.95 22.11 -17.08
N GLN E 51 -22.65 22.13 -16.83
CA GLN E 51 -21.85 23.34 -16.94
C GLN E 51 -21.87 23.94 -18.35
N ALA E 52 -22.26 23.14 -19.35
CA ALA E 52 -22.28 23.61 -20.74
C ALA E 52 -23.71 23.87 -21.22
N SER E 53 -24.69 23.45 -20.43
CA SER E 53 -26.09 23.65 -20.77
C SER E 53 -26.55 25.06 -20.40
N LEU F 8 7.01 -26.20 -5.33
CA LEU F 8 6.61 -27.27 -4.43
C LEU F 8 5.26 -26.95 -3.79
N LYS F 9 5.15 -25.75 -3.22
CA LYS F 9 3.92 -25.32 -2.59
C LYS F 9 2.87 -25.04 -3.66
N SER F 10 3.35 -24.75 -4.87
CA SER F 10 2.48 -24.55 -6.02
C SER F 10 1.71 -25.83 -6.31
N GLN F 11 2.30 -26.97 -5.95
CA GLN F 11 1.67 -28.27 -6.16
C GLN F 11 0.48 -28.48 -5.23
N ILE F 12 0.63 -28.06 -3.97
CA ILE F 12 -0.47 -28.16 -3.01
C ILE F 12 -1.64 -27.29 -3.48
N GLN F 13 -1.34 -26.12 -4.03
CA GLN F 13 -2.38 -25.23 -4.54
C GLN F 13 -2.96 -25.84 -5.82
N GLN F 14 -2.10 -26.51 -6.58
CA GLN F 14 -2.52 -27.19 -7.79
C GLN F 14 -3.56 -28.24 -7.43
N TYR F 15 -3.36 -28.92 -6.30
CA TYR F 15 -4.30 -29.95 -5.84
C TYR F 15 -5.54 -29.34 -5.19
N LEU F 16 -5.34 -28.24 -4.49
CA LEU F 16 -6.44 -27.50 -3.89
C LEU F 16 -7.47 -27.12 -4.96
N VAL F 17 -6.97 -26.68 -6.11
CA VAL F 17 -7.81 -26.28 -7.24
C VAL F 17 -8.39 -27.48 -7.99
N GLU F 18 -7.55 -28.49 -8.22
CA GLU F 18 -7.98 -29.67 -8.99
C GLU F 18 -9.03 -30.50 -8.25
N SER F 19 -8.89 -30.63 -6.94
CA SER F 19 -9.83 -31.40 -6.13
C SER F 19 -11.19 -30.69 -5.99
N GLY F 20 -11.21 -29.39 -6.27
CA GLY F 20 -12.43 -28.61 -6.13
C GLY F 20 -12.57 -27.99 -4.75
N ASN F 21 -11.65 -28.35 -3.85
CA ASN F 21 -11.68 -27.84 -2.49
C ASN F 21 -11.46 -26.33 -2.42
N TYR F 22 -10.80 -25.79 -3.43
CA TYR F 22 -10.62 -24.34 -3.52
C TYR F 22 -11.97 -23.66 -3.57
N GLU F 23 -12.83 -24.16 -4.45
CA GLU F 23 -14.16 -23.59 -4.63
C GLU F 23 -15.02 -23.87 -3.41
N LEU F 24 -14.94 -25.10 -2.92
CA LEU F 24 -15.70 -25.52 -1.74
C LEU F 24 -15.40 -24.66 -0.52
N ILE F 25 -14.11 -24.40 -0.28
CA ILE F 25 -13.69 -23.59 0.86
C ILE F 25 -14.03 -22.12 0.64
N SER F 26 -13.78 -21.64 -0.57
CA SER F 26 -14.11 -20.25 -0.94
C SER F 26 -15.59 -19.99 -0.69
N ASN F 27 -16.41 -20.97 -1.05
CA ASN F 27 -17.86 -20.87 -0.89
C ASN F 27 -18.29 -20.86 0.58
N GLU F 28 -17.75 -21.78 1.37
CA GLU F 28 -18.02 -21.80 2.81
C GLU F 28 -17.62 -20.47 3.45
N LEU F 29 -16.45 -19.98 3.05
CA LEU F 29 -15.92 -18.75 3.61
C LEU F 29 -16.80 -17.55 3.28
N LYS F 30 -17.08 -17.36 1.99
CA LYS F 30 -17.86 -16.20 1.54
C LYS F 30 -19.31 -16.25 2.04
N ALA F 31 -19.82 -17.46 2.29
CA ALA F 31 -21.17 -17.61 2.82
C ALA F 31 -21.24 -17.23 4.30
N ARG F 32 -20.25 -17.68 5.06
CA ARG F 32 -20.20 -17.37 6.49
C ARG F 32 -19.97 -15.88 6.73
N LEU F 33 -19.15 -15.26 5.88
CA LEU F 33 -18.80 -13.85 6.04
C LEU F 33 -19.98 -12.95 5.69
N LEU F 34 -20.82 -13.41 4.75
CA LEU F 34 -22.02 -12.67 4.39
C LEU F 34 -23.05 -12.72 5.53
N GLN F 35 -23.14 -13.89 6.15
CA GLN F 35 -24.10 -14.12 7.22
C GLN F 35 -23.85 -13.19 8.42
N GLU F 36 -22.57 -12.92 8.69
CA GLU F 36 -22.18 -12.14 9.87
C GLU F 36 -21.91 -10.67 9.55
N GLY F 37 -22.35 -10.23 8.37
CA GLY F 37 -22.20 -8.85 7.95
C GLY F 37 -20.78 -8.38 7.77
N TRP F 38 -19.84 -9.32 7.62
CA TRP F 38 -18.43 -8.98 7.41
C TRP F 38 -18.23 -8.29 6.06
N VAL F 39 -18.85 -8.86 5.02
CA VAL F 39 -18.68 -8.34 3.67
C VAL F 39 -19.10 -6.88 3.62
N ASP F 40 -20.28 -6.59 4.16
CA ASP F 40 -20.84 -5.23 4.14
C ASP F 40 -19.90 -4.23 4.81
N LYS F 41 -19.35 -4.65 5.94
CA LYS F 41 -18.44 -3.82 6.74
C LYS F 41 -17.11 -3.58 6.02
N VAL F 42 -16.52 -4.65 5.48
CA VAL F 42 -15.26 -4.56 4.74
C VAL F 42 -15.43 -3.73 3.47
N LYS F 43 -16.61 -3.81 2.88
CA LYS F 43 -16.91 -3.02 1.70
C LYS F 43 -16.85 -1.54 2.06
N ASP F 44 -17.51 -1.18 3.16
CA ASP F 44 -17.51 0.19 3.65
C ASP F 44 -16.11 0.64 4.04
N LEU F 45 -15.38 -0.25 4.70
CA LEU F 45 -14.01 0.03 5.11
C LEU F 45 -13.12 0.28 3.87
N THR F 46 -13.25 -0.60 2.88
CA THR F 46 -12.48 -0.49 1.63
C THR F 46 -12.89 0.74 0.84
N LYS F 47 -14.20 1.00 0.79
CA LYS F 47 -14.76 2.09 0.00
C LYS F 47 -14.41 3.47 0.56
N SER F 48 -14.34 3.59 1.88
CA SER F 48 -14.02 4.87 2.52
C SER F 48 -12.56 5.27 2.31
N GLU F 49 -11.67 4.29 2.29
CA GLU F 49 -10.24 4.56 2.12
C GLU F 49 -9.90 4.93 0.68
N MET F 50 -10.62 4.33 -0.27
CA MET F 50 -10.43 4.64 -1.68
C MET F 50 -10.70 6.09 -2.07
N ASN F 51 -11.64 6.72 -1.40
CA ASN F 51 -12.01 8.10 -1.71
C ASN F 51 -11.00 9.14 -1.23
N ILE F 52 -10.15 8.77 -0.27
CA ILE F 52 -9.11 9.69 0.20
C ILE F 52 -7.89 9.76 -0.72
N ASN F 53 -7.40 8.60 -1.17
CA ASN F 53 -6.15 8.53 -1.94
C ASN F 53 -6.22 7.93 -3.35
N GLU F 54 -7.31 8.16 -4.08
CA GLU F 54 -7.36 7.74 -5.48
C GLU F 54 -6.31 8.53 -6.29
N SER F 55 -5.44 7.83 -7.03
CA SER F 55 -5.67 6.47 -7.53
C SER F 55 -4.93 5.39 -6.74
N THR F 56 -5.72 4.54 -6.09
CA THR F 56 -5.28 3.69 -4.99
C THR F 56 -4.63 2.38 -5.45
N ASN F 57 -3.38 2.15 -5.07
CA ASN F 57 -2.75 0.83 -5.25
C ASN F 57 -3.10 -0.17 -4.15
N PHE F 58 -3.44 -1.39 -4.56
CA PHE F 58 -4.01 -2.38 -3.65
C PHE F 58 -3.06 -2.81 -2.52
N THR F 59 -1.76 -2.80 -2.78
CA THR F 59 -0.81 -3.21 -1.75
C THR F 59 -0.80 -2.18 -0.63
N GLN F 60 -1.04 -0.92 -0.99
CA GLN F 60 -1.19 0.10 0.02
C GLN F 60 -2.49 -0.18 0.76
N ILE F 61 -3.50 -0.65 0.02
CA ILE F 61 -4.82 -0.91 0.61
C ILE F 61 -4.81 -2.13 1.53
N LEU F 62 -4.07 -3.17 1.16
CA LEU F 62 -4.06 -4.38 1.97
C LEU F 62 -3.43 -4.01 3.31
N SER F 63 -2.43 -3.14 3.27
CA SER F 63 -1.71 -2.75 4.47
C SER F 63 -2.61 -2.05 5.50
N THR F 64 -3.55 -1.23 5.03
CA THR F 64 -4.45 -0.52 5.93
C THR F 64 -5.69 -1.33 6.32
N VAL F 65 -6.29 -1.99 5.34
CA VAL F 65 -7.58 -2.66 5.52
C VAL F 65 -7.47 -4.06 6.10
N GLU F 66 -6.42 -4.79 5.71
CA GLU F 66 -6.27 -6.19 6.10
C GLU F 66 -6.23 -6.42 7.61
N PRO F 67 -5.45 -5.60 8.34
CA PRO F 67 -5.37 -5.79 9.79
C PRO F 67 -6.74 -5.80 10.47
N LYS F 68 -7.52 -4.75 10.25
CA LYS F 68 -8.84 -4.64 10.85
C LYS F 68 -9.80 -5.70 10.31
N ALA F 69 -9.67 -6.04 9.04
CA ALA F 69 -10.54 -7.03 8.42
C ALA F 69 -10.29 -8.46 8.94
N LEU F 70 -9.04 -8.78 9.21
CA LEU F 70 -8.68 -10.09 9.76
C LEU F 70 -9.23 -10.32 11.16
N GLU F 71 -9.08 -9.31 12.01
CA GLU F 71 -9.52 -9.38 13.40
C GLU F 71 -11.03 -9.44 13.49
N MET F 72 -11.68 -8.85 12.49
CA MET F 72 -13.13 -8.69 12.50
C MET F 72 -13.86 -9.98 12.12
N VAL F 73 -13.11 -11.01 11.75
CA VAL F 73 -13.70 -12.30 11.41
C VAL F 73 -14.06 -13.05 12.68
N SER F 74 -15.30 -13.52 12.75
CA SER F 74 -15.80 -14.25 13.91
C SER F 74 -15.07 -15.58 14.09
N ASP F 75 -14.89 -15.98 15.35
CA ASP F 75 -14.20 -17.23 15.67
C ASP F 75 -14.91 -18.46 15.07
N SER F 76 -16.23 -18.42 14.99
CA SER F 76 -16.98 -19.53 14.40
C SER F 76 -16.54 -19.72 12.95
N THR F 77 -16.44 -18.61 12.23
CA THR F 77 -16.03 -18.63 10.82
C THR F 77 -14.57 -19.00 10.65
N ARG F 78 -13.69 -18.31 11.40
CA ARG F 78 -12.26 -18.54 11.29
C ARG F 78 -11.91 -20.00 11.59
N GLU F 79 -12.43 -20.52 12.68
CA GLU F 79 -12.13 -21.88 13.11
C GLU F 79 -12.65 -22.93 12.13
N THR F 80 -13.87 -22.73 11.62
CA THR F 80 -14.46 -23.67 10.69
C THR F 80 -13.63 -23.76 9.41
N VAL F 81 -13.26 -22.61 8.86
CA VAL F 81 -12.49 -22.59 7.62
C VAL F 81 -11.10 -23.15 7.88
N LEU F 82 -10.50 -22.82 9.03
CA LEU F 82 -9.19 -23.36 9.38
C LEU F 82 -9.27 -24.89 9.44
N LYS F 83 -10.39 -25.42 9.88
CA LYS F 83 -10.54 -26.87 9.98
C LYS F 83 -10.72 -27.53 8.61
N GLN F 84 -11.49 -26.89 7.74
CA GLN F 84 -11.67 -27.40 6.37
C GLN F 84 -10.33 -27.46 5.63
N ILE F 85 -9.55 -26.38 5.76
CA ILE F 85 -8.24 -26.31 5.15
C ILE F 85 -7.37 -27.47 5.65
N ARG F 86 -7.36 -27.66 6.97
CA ARG F 86 -6.57 -28.71 7.59
C ARG F 86 -7.02 -30.10 7.13
N GLU F 87 -8.33 -30.30 7.03
CA GLU F 87 -8.90 -31.56 6.58
C GLU F 87 -8.36 -31.90 5.19
N PHE F 88 -8.27 -30.90 4.32
CA PHE F 88 -7.72 -31.08 2.98
C PHE F 88 -6.23 -31.37 3.00
N LEU F 89 -5.50 -30.62 3.82
CA LEU F 89 -4.05 -30.78 3.93
C LEU F 89 -3.73 -32.12 4.56
N GLU F 90 -4.58 -32.52 5.51
CA GLU F 90 -4.37 -33.75 6.27
C GLU F 90 -4.17 -34.97 5.36
N GLU F 91 -4.66 -34.90 4.13
CA GLU F 91 -4.54 -36.02 3.22
C GLU F 91 -3.08 -36.25 2.83
N ILE F 92 -2.24 -35.23 3.04
CA ILE F 92 -0.89 -35.26 2.48
C ILE F 92 0.11 -34.44 3.33
N VAL F 93 1.32 -34.95 3.60
CA VAL F 93 1.91 -36.18 3.04
C VAL F 93 1.41 -37.48 3.66
N ASP F 94 1.14 -37.44 4.97
CA ASP F 94 0.76 -38.63 5.74
C ASP F 94 1.92 -39.64 5.88
N THR F 95 3.15 -39.18 5.70
CA THR F 95 4.31 -40.06 5.90
C THR F 95 4.76 -40.04 7.36
N VAL G 15 -7.02 -22.39 -12.48
CA VAL G 15 -7.11 -21.10 -13.15
C VAL G 15 -8.09 -20.19 -12.42
N LEU G 16 -9.09 -20.79 -11.77
CA LEU G 16 -10.07 -20.03 -11.01
C LEU G 16 -9.50 -19.13 -9.92
N PRO G 17 -8.35 -19.51 -9.31
CA PRO G 17 -7.90 -18.56 -8.30
C PRO G 17 -7.25 -17.33 -8.91
N THR G 18 -7.68 -16.17 -8.42
CA THR G 18 -7.19 -14.88 -8.88
C THR G 18 -5.83 -14.57 -8.27
N VAL G 19 -5.15 -13.57 -8.82
CA VAL G 19 -3.90 -13.09 -8.27
C VAL G 19 -4.08 -12.72 -6.79
N GLY G 20 -5.31 -12.38 -6.41
CA GLY G 20 -5.64 -12.13 -5.01
C GLY G 20 -5.35 -13.29 -4.07
N PHE G 21 -5.17 -14.48 -4.62
CA PHE G 21 -4.83 -15.65 -3.81
C PHE G 21 -3.30 -15.70 -3.72
N ASP G 22 -2.75 -15.13 -2.65
CA ASP G 22 -1.31 -14.86 -2.55
C ASP G 22 -0.52 -16.00 -1.91
N PHE G 23 -1.06 -17.21 -1.93
CA PHE G 23 -0.41 -18.35 -1.29
C PHE G 23 1.05 -18.47 -1.74
N ILE G 24 1.29 -18.27 -3.05
CA ILE G 24 2.62 -18.35 -3.63
C ILE G 24 3.24 -16.96 -3.74
N LEU H 16 15.47 -3.96 -10.18
CA LEU H 16 16.32 -2.82 -9.88
C LEU H 16 15.56 -1.67 -9.19
N PRO H 17 14.28 -1.43 -9.56
CA PRO H 17 13.51 -0.38 -8.89
C PRO H 17 12.91 -0.91 -7.59
N THR H 18 12.96 -0.15 -6.49
CA THR H 18 12.42 -0.65 -5.24
C THR H 18 10.90 -0.58 -5.22
N VAL H 19 10.31 -1.30 -4.27
CA VAL H 19 8.87 -1.29 -4.04
C VAL H 19 8.33 0.12 -3.78
N GLY H 20 9.17 1.00 -3.23
CA GLY H 20 8.80 2.39 -3.01
C GLY H 20 8.43 3.13 -4.29
N PHE H 21 8.79 2.55 -5.43
CA PHE H 21 8.50 3.16 -6.71
C PHE H 21 7.10 2.75 -7.19
N ASP H 22 6.12 3.62 -6.91
CA ASP H 22 4.70 3.31 -7.07
C ASP H 22 4.12 3.70 -8.43
N PHE H 23 4.96 3.87 -9.44
CA PHE H 23 4.52 4.26 -10.77
C PHE H 23 3.37 3.44 -11.32
N ILE H 24 3.45 2.12 -11.17
CA ILE H 24 2.46 1.22 -11.74
C ILE H 24 1.39 0.85 -10.71
N ASP I 10 -5.67 6.55 -26.45
CA ASP I 10 -5.53 5.18 -26.92
C ASP I 10 -4.67 5.11 -28.18
N LYS I 11 -4.32 3.88 -28.58
CA LYS I 11 -3.53 3.63 -29.79
C LYS I 11 -2.09 4.13 -29.65
N GLU I 12 -1.71 4.55 -28.46
CA GLU I 12 -0.37 5.09 -28.26
C GLU I 12 0.66 3.98 -28.39
N SER I 13 1.84 4.34 -28.91
CA SER I 13 2.90 3.39 -29.14
C SER I 13 4.22 3.88 -28.54
N ILE I 14 4.92 2.98 -27.85
CA ILE I 14 6.17 3.30 -27.18
C ILE I 14 7.29 2.47 -27.81
N VAL I 15 8.43 3.10 -28.05
CA VAL I 15 9.55 2.50 -28.78
C VAL I 15 9.09 1.75 -30.03
N GLU J 12 9.17 -35.35 3.00
CA GLU J 12 7.75 -35.09 2.74
C GLU J 12 7.43 -35.22 1.26
N SER J 13 6.67 -36.25 0.90
CA SER J 13 6.31 -36.54 -0.48
C SER J 13 4.82 -36.36 -0.76
N ILE J 14 4.46 -35.25 -1.39
CA ILE J 14 3.06 -34.95 -1.66
C ILE J 14 2.55 -35.77 -2.84
N VAL J 15 1.40 -36.41 -2.64
CA VAL J 15 0.76 -37.32 -3.61
C VAL J 15 1.76 -38.24 -4.32
CA CA K . 9.32 -10.47 2.79
CA CA L . 26.73 14.15 38.52
CA CA M . -35.93 23.59 -7.09
CA CA N . -4.33 -9.09 -17.30
#